data_5C0J
#
_entry.id   5C0J
#
_cell.length_a   56.290
_cell.length_b   80.130
_cell.length_c   56.950
_cell.angle_alpha   90.000
_cell.angle_beta   115.810
_cell.angle_gamma   90.000
#
_symmetry.space_group_name_H-M   'P 1 21 1'
#
loop_
_entity.id
_entity.type
_entity.pdbx_description
1 polymer 'HLA class I histocompatibility antigen, A-2 alpha chain'
2 polymer Beta-2-microglobulin
3 polymer 'Marker peptide'
4 non-polymer 1,2-ETHANEDIOL
5 non-polymer 'SULFATE ION'
6 non-polymer 'CALCIUM ION'
7 non-polymer GLYCEROL
8 water water
#
loop_
_entity_poly.entity_id
_entity_poly.type
_entity_poly.pdbx_seq_one_letter_code
_entity_poly.pdbx_strand_id
1 'polypeptide(L)'
;MGSHSMRYFFTSVSRPGRGEPRFIAVGYVDDTQFVRFDSDAASQRMEPRAPWIEQEGPEYWDGETRKVKAHSQTHRVDLG
TLRGYYNQSEAGSHTVQRMYGCDVGSDWRFLRGYHQYAYDGKDYIALKEDLRSWTAADMAAQTTKHKWEAAHVAEQLRAY
LEGTCVEWLRRYLENGKETLQRTDAPKTHMTHHAVSDHEATLRCWALSFYPAEITLTWQRDGEDQTQDTELVETRPAGDG
TFQKWAAVVVPSGQEQRYTCHVQHEGLPKPLTLRWEP
;
A
2 'polypeptide(L)'
;MIQRTPKIQVYSRHPAENGKSNFLNCYVSGFHPSDIEVDLLKNGERIEKVEHSDLSFSKDWSFYLLYYTEFTPTEKDEYA
CRVNHVTLSQPKIVKWDRDM
;
B
3 'polypeptide(L)' RQFGPDWIVA C
#
# COMPACT_ATOMS: atom_id res chain seq x y z
N MET A 1 3.23 17.90 9.57
CA MET A 1 1.82 17.37 9.53
C MET A 1 1.50 16.27 10.60
N GLY A 2 1.41 16.70 11.89
CA GLY A 2 1.01 15.81 13.02
C GLY A 2 1.97 14.64 13.16
N SER A 3 1.45 13.41 13.31
CA SER A 3 2.32 12.23 13.51
C SER A 3 2.91 11.68 12.16
N HIS A 4 4.02 10.95 12.27
CA HIS A 4 4.75 10.44 11.06
C HIS A 4 5.21 9.06 11.36
N SER A 5 5.48 8.31 10.31
CA SER A 5 5.94 6.97 10.43
C SER A 5 7.04 6.70 9.38
N MET A 6 7.88 5.75 9.74
CA MET A 6 8.83 5.14 8.83
C MET A 6 8.57 3.61 8.88
N ARG A 7 8.38 2.94 7.73
CA ARG A 7 8.10 1.52 7.72
C ARG A 7 8.86 0.85 6.59
N TYR A 8 9.28 -0.36 6.84
CA TYR A 8 9.88 -1.24 5.85
C TYR A 8 9.07 -2.52 5.75
N PHE A 9 8.84 -2.93 4.49
CA PHE A 9 7.95 -4.03 4.13
C PHE A 9 8.80 -5.01 3.30
N PHE A 10 8.81 -6.28 3.69
CA PHE A 10 9.63 -7.30 3.06
C PHE A 10 8.75 -8.47 2.71
N THR A 11 8.89 -8.96 1.48
CA THR A 11 8.15 -10.16 1.02
C THR A 11 9.16 -11.11 0.39
N SER A 12 9.19 -12.38 0.81
CA SER A 12 10.05 -13.42 0.18
C SER A 12 9.23 -14.56 -0.21
N VAL A 13 9.34 -15.00 -1.47
CA VAL A 13 8.49 -16.04 -1.97
C VAL A 13 9.39 -17.18 -2.51
N SER A 14 9.22 -18.37 -1.97
CA SER A 14 10.03 -19.48 -2.44
C SER A 14 9.74 -19.92 -3.86
N ARG A 15 10.76 -20.49 -4.50
N ARG A 15 10.77 -20.49 -4.50
CA ARG A 15 10.69 -20.95 -5.89
CA ARG A 15 10.74 -20.93 -5.89
C ARG A 15 11.19 -22.36 -5.91
C ARG A 15 11.22 -22.38 -5.91
N PRO A 16 10.35 -23.30 -5.53
CA PRO A 16 10.82 -24.70 -5.39
C PRO A 16 11.31 -25.41 -6.65
N GLY A 17 10.91 -24.99 -7.84
CA GLY A 17 11.41 -25.60 -9.00
C GLY A 17 12.88 -25.31 -9.34
N ARG A 18 13.34 -24.14 -8.97
CA ARG A 18 14.75 -23.82 -9.28
C ARG A 18 15.09 -22.51 -8.62
N GLY A 19 16.18 -22.54 -7.86
CA GLY A 19 16.75 -21.28 -7.37
C GLY A 19 16.28 -20.74 -6.07
N GLU A 20 16.65 -19.52 -5.80
CA GLU A 20 16.44 -18.98 -4.47
C GLU A 20 15.12 -18.18 -4.47
N PRO A 21 14.60 -17.80 -3.35
CA PRO A 21 13.35 -17.03 -3.23
C PRO A 21 13.41 -15.66 -3.95
N ARG A 22 12.29 -15.19 -4.41
CA ARG A 22 12.17 -13.81 -4.88
C ARG A 22 12.07 -12.95 -3.62
N PHE A 23 12.89 -11.92 -3.50
CA PHE A 23 12.83 -11.04 -2.34
C PHE A 23 12.58 -9.60 -2.80
N ILE A 24 11.57 -8.98 -2.20
CA ILE A 24 11.19 -7.63 -2.48
C ILE A 24 11.13 -6.87 -1.15
N ALA A 25 11.80 -5.73 -1.13
CA ALA A 25 11.74 -4.85 0.01
C ALA A 25 11.38 -3.42 -0.41
N VAL A 26 10.57 -2.75 0.40
CA VAL A 26 10.22 -1.36 0.08
C VAL A 26 10.24 -0.59 1.41
N GLY A 27 10.66 0.65 1.33
CA GLY A 27 10.66 1.52 2.47
C GLY A 27 9.77 2.73 2.20
N TYR A 28 9.02 3.17 3.27
CA TYR A 28 8.12 4.32 3.25
C TYR A 28 8.39 5.26 4.40
N VAL A 29 8.26 6.55 4.12
CA VAL A 29 7.98 7.56 5.13
C VAL A 29 6.55 8.01 4.92
N ASP A 30 5.74 7.87 5.94
CA ASP A 30 4.30 8.15 5.75
C ASP A 30 3.77 7.36 4.55
N ASP A 31 3.08 8.06 3.64
CA ASP A 31 2.59 7.35 2.46
C ASP A 31 3.51 7.53 1.22
N THR A 32 4.77 7.85 1.43
CA THR A 32 5.72 8.04 0.32
C THR A 32 6.78 6.93 0.27
N GLN A 33 6.81 6.18 -0.81
CA GLN A 33 7.86 5.17 -0.89
C GLN A 33 9.18 5.85 -1.17
N PHE A 34 10.26 5.45 -0.53
CA PHE A 34 11.55 6.12 -0.78
C PHE A 34 12.72 5.21 -1.17
N VAL A 35 12.63 3.92 -0.95
CA VAL A 35 13.67 2.97 -1.33
C VAL A 35 12.98 1.66 -1.78
N ARG A 36 13.68 0.90 -2.62
N ARG A 36 13.74 0.87 -2.52
CA ARG A 36 13.26 -0.45 -3.00
CA ARG A 36 13.33 -0.48 -2.77
C ARG A 36 14.48 -1.35 -3.06
C ARG A 36 14.48 -1.37 -3.13
N PHE A 37 14.24 -2.65 -2.93
CA PHE A 37 15.20 -3.69 -3.34
C PHE A 37 14.39 -4.76 -3.98
N ASP A 38 14.80 -5.24 -5.13
CA ASP A 38 14.20 -6.43 -5.69
C ASP A 38 15.31 -7.37 -6.13
N SER A 39 15.29 -8.60 -5.63
CA SER A 39 16.32 -9.62 -5.97
C SER A 39 16.33 -9.96 -7.44
N ASP A 40 15.24 -9.75 -8.16
CA ASP A 40 15.26 -9.96 -9.58
C ASP A 40 15.77 -8.79 -10.46
N ALA A 41 16.01 -7.64 -9.87
CA ALA A 41 16.56 -6.55 -10.62
C ALA A 41 18.06 -6.67 -10.81
N ALA A 42 18.56 -5.90 -11.76
CA ALA A 42 19.97 -6.03 -12.20
C ALA A 42 20.97 -5.44 -11.20
N SER A 43 20.60 -4.34 -10.52
CA SER A 43 21.57 -3.63 -9.65
C SER A 43 22.07 -4.45 -8.49
N GLN A 44 21.19 -5.25 -7.86
CA GLN A 44 21.51 -5.91 -6.62
C GLN A 44 21.90 -4.90 -5.57
N ARG A 45 21.27 -3.76 -5.63
CA ARG A 45 21.47 -2.67 -4.65
C ARG A 45 20.13 -2.19 -4.17
N MET A 46 20.10 -1.69 -2.95
CA MET A 46 18.98 -0.83 -2.48
C MET A 46 19.02 0.40 -3.38
N GLU A 47 17.85 0.77 -3.89
CA GLU A 47 17.69 1.84 -4.87
C GLU A 47 16.76 2.95 -4.35
N PRO A 48 17.04 4.20 -4.74
CA PRO A 48 16.19 5.31 -4.38
C PRO A 48 14.88 5.32 -5.16
N ARG A 49 13.82 5.78 -4.50
N ARG A 49 13.82 5.81 -4.50
CA ARG A 49 12.55 5.96 -5.19
CA ARG A 49 12.51 5.96 -5.13
C ARG A 49 11.97 7.38 -4.97
C ARG A 49 11.81 7.29 -4.75
N ALA A 50 12.56 8.14 -4.07
CA ALA A 50 12.16 9.55 -3.86
C ALA A 50 13.37 10.48 -4.09
N PRO A 51 13.14 11.66 -4.64
CA PRO A 51 14.30 12.54 -4.85
C PRO A 51 15.07 12.93 -3.59
N TRP A 52 14.40 13.10 -2.45
CA TRP A 52 15.12 13.57 -1.26
C TRP A 52 16.01 12.52 -0.59
N ILE A 53 15.94 11.25 -1.00
CA ILE A 53 16.90 10.26 -0.47
C ILE A 53 18.15 10.16 -1.36
N GLU A 54 18.07 10.69 -2.58
CA GLU A 54 19.24 10.66 -3.47
C GLU A 54 20.48 11.41 -2.99
N GLN A 55 20.32 12.39 -2.11
CA GLN A 55 21.45 13.08 -1.57
C GLN A 55 22.21 12.22 -0.57
N GLU A 56 21.69 11.06 -0.14
CA GLU A 56 22.50 10.23 0.78
C GLU A 56 23.74 9.72 0.02
N GLY A 57 24.85 9.64 0.74
CA GLY A 57 26.17 9.30 0.22
C GLY A 57 26.37 7.80 0.03
N PRO A 58 27.50 7.42 -0.59
CA PRO A 58 27.69 5.99 -0.89
C PRO A 58 27.83 5.13 0.34
N GLU A 59 28.26 5.67 1.47
CA GLU A 59 28.31 4.82 2.62
C GLU A 59 26.87 4.38 3.00
N TYR A 60 25.91 5.28 2.85
CA TYR A 60 24.50 4.98 3.16
C TYR A 60 24.02 3.86 2.26
N TRP A 61 24.24 4.01 0.94
CA TRP A 61 23.74 3.02 0.00
C TRP A 61 24.42 1.65 0.12
N ASP A 62 25.71 1.66 0.38
CA ASP A 62 26.43 0.40 0.71
C ASP A 62 25.88 -0.30 1.97
N GLY A 63 25.69 0.45 3.02
CA GLY A 63 25.10 -0.10 4.24
C GLY A 63 23.71 -0.63 4.10
N GLU A 64 22.84 0.15 3.42
CA GLU A 64 21.49 -0.30 3.18
C GLU A 64 21.47 -1.57 2.29
N THR A 65 22.35 -1.62 1.29
CA THR A 65 22.44 -2.82 0.46
C THR A 65 22.87 -4.07 1.29
N ARG A 66 23.89 -3.90 2.11
N ARG A 66 23.88 -3.90 2.11
CA ARG A 66 24.36 -4.96 2.98
CA ARG A 66 24.35 -4.98 2.94
C ARG A 66 23.26 -5.46 3.89
C ARG A 66 23.26 -5.46 3.89
N LYS A 67 22.58 -4.53 4.55
CA LYS A 67 21.47 -4.89 5.41
C LYS A 67 20.35 -5.64 4.71
N VAL A 68 19.96 -5.16 3.53
N VAL A 68 19.88 -5.18 3.54
CA VAL A 68 18.85 -5.76 2.89
CA VAL A 68 18.77 -5.92 2.88
C VAL A 68 19.21 -7.13 2.32
C VAL A 68 19.23 -7.25 2.36
N LYS A 69 20.46 -7.32 1.91
CA LYS A 69 20.93 -8.62 1.44
C LYS A 69 20.99 -9.61 2.57
N ALA A 70 21.45 -9.15 3.74
CA ALA A 70 21.53 -10.08 4.89
C ALA A 70 20.09 -10.47 5.35
N HIS A 71 19.17 -9.51 5.34
CA HIS A 71 17.76 -9.72 5.64
C HIS A 71 17.23 -10.79 4.66
N SER A 72 17.58 -10.65 3.39
CA SER A 72 17.10 -11.63 2.39
C SER A 72 17.58 -13.04 2.66
N GLN A 73 18.83 -13.19 3.08
CA GLN A 73 19.35 -14.54 3.40
C GLN A 73 18.64 -15.11 4.65
N THR A 74 18.33 -14.26 5.64
CA THR A 74 17.55 -14.72 6.78
C THR A 74 16.16 -15.20 6.37
N HIS A 75 15.49 -14.49 5.47
CA HIS A 75 14.21 -15.02 5.01
C HIS A 75 14.37 -16.30 4.16
N ARG A 76 15.47 -16.42 3.45
CA ARG A 76 15.71 -17.68 2.71
C ARG A 76 15.80 -18.91 3.70
N VAL A 77 16.51 -18.71 4.80
CA VAL A 77 16.66 -19.74 5.78
C VAL A 77 15.26 -19.98 6.42
N ASP A 78 14.56 -18.91 6.75
CA ASP A 78 13.24 -19.01 7.36
C ASP A 78 12.26 -19.79 6.53
N LEU A 79 12.26 -19.58 5.23
CA LEU A 79 11.33 -20.34 4.42
C LEU A 79 11.60 -21.87 4.57
N GLY A 80 12.89 -22.28 4.60
CA GLY A 80 13.23 -23.66 4.89
C GLY A 80 12.81 -24.15 6.28
N THR A 81 13.06 -23.34 7.29
CA THR A 81 12.75 -23.71 8.66
C THR A 81 11.27 -23.84 8.84
N LEU A 82 10.47 -22.87 8.34
CA LEU A 82 9.02 -22.91 8.58
C LEU A 82 8.37 -24.08 7.81
N ARG A 83 8.90 -24.38 6.63
N ARG A 83 8.90 -24.40 6.64
CA ARG A 83 8.44 -25.56 5.86
CA ARG A 83 8.40 -25.58 5.89
C ARG A 83 8.54 -26.77 6.79
C ARG A 83 8.55 -26.80 6.79
N GLY A 84 9.68 -26.86 7.47
CA GLY A 84 9.93 -27.94 8.46
C GLY A 84 8.97 -27.88 9.62
N TYR A 85 8.86 -26.71 10.25
CA TYR A 85 7.94 -26.60 11.37
C TYR A 85 6.52 -27.03 11.02
N TYR A 86 6.06 -26.72 9.82
CA TYR A 86 4.69 -27.03 9.43
C TYR A 86 4.54 -28.36 8.65
N ASN A 87 5.63 -29.12 8.53
CA ASN A 87 5.60 -30.44 7.88
C ASN A 87 5.09 -30.35 6.47
N GLN A 88 5.46 -29.30 5.77
CA GLN A 88 4.98 -29.05 4.41
C GLN A 88 5.94 -29.67 3.42
N SER A 89 5.41 -29.94 2.22
CA SER A 89 6.17 -30.52 1.13
C SER A 89 7.19 -29.54 0.59
N GLU A 90 8.26 -30.06 0.01
CA GLU A 90 9.18 -29.19 -0.68
C GLU A 90 8.68 -28.74 -2.03
N ALA A 91 7.48 -29.11 -2.43
CA ALA A 91 7.02 -28.86 -3.82
C ALA A 91 6.36 -27.50 -3.99
N GLY A 92 5.84 -26.97 -2.90
CA GLY A 92 5.01 -25.75 -3.02
C GLY A 92 5.76 -24.47 -2.74
N SER A 93 5.24 -23.37 -3.28
CA SER A 93 5.74 -22.08 -3.02
C SER A 93 5.06 -21.54 -1.73
N HIS A 94 5.86 -20.91 -0.90
CA HIS A 94 5.42 -20.26 0.33
C HIS A 94 5.98 -18.87 0.48
N THR A 95 5.38 -18.08 1.36
CA THR A 95 5.67 -16.65 1.47
C THR A 95 5.92 -16.28 2.90
N VAL A 96 6.99 -15.52 3.11
N VAL A 96 7.01 -15.56 3.14
CA VAL A 96 7.21 -14.85 4.37
CA VAL A 96 7.16 -14.86 4.41
C VAL A 96 7.01 -13.35 4.12
C VAL A 96 7.14 -13.37 4.18
N GLN A 97 6.47 -12.66 5.12
CA GLN A 97 6.39 -11.21 5.08
C GLN A 97 6.86 -10.69 6.42
N ARG A 98 7.57 -9.57 6.37
CA ARG A 98 7.96 -8.87 7.62
C ARG A 98 7.70 -7.36 7.44
N MET A 99 7.20 -6.71 8.48
CA MET A 99 7.08 -5.23 8.46
C MET A 99 7.60 -4.72 9.75
N TYR A 100 8.44 -3.67 9.69
CA TYR A 100 8.85 -3.05 10.94
C TYR A 100 8.96 -1.55 10.74
N GLY A 101 8.99 -0.85 11.85
CA GLY A 101 9.13 0.62 11.79
C GLY A 101 8.73 1.33 13.04
N CYS A 102 8.62 2.64 12.93
CA CYS A 102 8.41 3.44 14.12
C CYS A 102 7.52 4.61 13.75
N ASP A 103 6.79 5.13 14.75
CA ASP A 103 5.97 6.34 14.61
C ASP A 103 6.55 7.37 15.53
N VAL A 104 6.51 8.63 15.13
CA VAL A 104 6.71 9.73 16.05
C VAL A 104 5.42 10.52 16.12
N GLY A 105 5.17 11.11 17.31
CA GLY A 105 3.98 11.91 17.54
C GLY A 105 4.14 13.34 17.07
N SER A 106 3.11 14.13 17.34
CA SER A 106 3.13 15.51 16.96
C SER A 106 4.20 16.22 17.78
N ASP A 107 4.49 15.73 19.00
CA ASP A 107 5.67 16.23 19.77
C ASP A 107 7.05 15.89 19.16
N TRP A 108 7.04 15.12 18.06
CA TRP A 108 8.22 14.88 17.25
C TRP A 108 9.09 13.76 17.90
N ARG A 109 8.55 13.16 18.96
CA ARG A 109 9.28 12.14 19.71
C ARG A 109 8.71 10.77 19.48
N PHE A 110 9.49 9.77 19.86
CA PHE A 110 9.05 8.43 19.68
C PHE A 110 7.61 8.21 20.19
N LEU A 111 6.78 7.55 19.40
CA LEU A 111 5.40 7.19 19.80
C LEU A 111 5.18 5.71 19.93
N ARG A 112 5.56 4.96 18.91
CA ARG A 112 5.44 3.51 18.99
C ARG A 112 6.33 2.85 17.97
N GLY A 113 6.67 1.59 18.22
CA GLY A 113 7.48 0.81 17.29
C GLY A 113 6.78 -0.52 17.03
N TYR A 114 7.13 -1.16 15.94
CA TYR A 114 6.52 -2.40 15.57
C TYR A 114 7.44 -3.27 14.78
N HIS A 115 7.18 -4.57 14.86
CA HIS A 115 7.93 -5.57 14.09
C HIS A 115 7.04 -6.80 14.03
N GLN A 116 6.54 -7.12 12.85
CA GLN A 116 5.50 -8.14 12.69
C GLN A 116 5.97 -9.04 11.55
N TYR A 117 5.68 -10.33 11.68
CA TYR A 117 6.11 -11.38 10.71
C TYR A 117 4.93 -12.30 10.40
N ALA A 118 4.78 -12.69 9.12
CA ALA A 118 3.69 -13.51 8.64
C ALA A 118 4.23 -14.64 7.82
N TYR A 119 3.52 -15.75 7.86
CA TYR A 119 3.87 -16.90 6.99
C TYR A 119 2.60 -17.28 6.26
N ASP A 120 2.74 -17.41 4.96
CA ASP A 120 1.63 -17.65 4.03
C ASP A 120 0.39 -16.78 4.32
N GLY A 121 0.67 -15.52 4.60
CA GLY A 121 -0.34 -14.50 4.71
C GLY A 121 -1.13 -14.46 6.00
N LYS A 122 -0.66 -15.16 7.01
N LYS A 122 -0.68 -15.23 7.00
CA LYS A 122 -1.28 -15.09 8.34
CA LYS A 122 -1.28 -15.27 8.35
C LYS A 122 -0.24 -14.76 9.41
C LYS A 122 -0.25 -14.81 9.42
N ASP A 123 -0.71 -14.13 10.48
CA ASP A 123 0.17 -13.75 11.55
C ASP A 123 1.02 -14.93 11.99
N TYR A 124 2.32 -14.68 12.23
CA TYR A 124 3.22 -15.68 12.75
C TYR A 124 3.70 -15.23 14.12
N ILE A 125 4.54 -14.17 14.14
CA ILE A 125 5.06 -13.63 15.41
C ILE A 125 5.11 -12.09 15.29
N ALA A 126 4.91 -11.42 16.38
CA ALA A 126 4.82 -9.94 16.39
C ALA A 126 5.34 -9.45 17.74
N LEU A 127 6.13 -8.38 17.69
CA LEU A 127 6.58 -7.73 18.90
C LEU A 127 5.42 -6.96 19.51
N LYS A 128 5.19 -7.07 20.81
CA LYS A 128 4.08 -6.30 21.42
C LYS A 128 4.51 -4.82 21.57
N GLU A 129 3.54 -3.96 21.87
CA GLU A 129 3.74 -2.55 21.95
C GLU A 129 4.80 -2.18 23.01
N ASP A 130 5.00 -3.01 24.03
CA ASP A 130 6.02 -2.70 25.01
C ASP A 130 7.44 -2.88 24.50
N LEU A 131 7.53 -3.51 23.31
CA LEU A 131 8.79 -3.83 22.63
C LEU A 131 9.64 -4.75 23.47
N ARG A 132 8.98 -5.47 24.35
CA ARG A 132 9.71 -6.38 25.25
C ARG A 132 9.25 -7.81 25.19
N SER A 133 8.10 -8.07 24.60
CA SER A 133 7.46 -9.38 24.64
C SER A 133 6.91 -9.70 23.27
N TRP A 134 6.64 -10.99 23.03
CA TRP A 134 6.26 -11.43 21.69
C TRP A 134 4.86 -12.10 21.73
N THR A 135 4.11 -11.90 20.66
CA THR A 135 2.84 -12.60 20.37
C THR A 135 3.16 -13.67 19.29
N ALA A 136 3.01 -14.93 19.66
CA ALA A 136 3.22 -16.05 18.71
C ALA A 136 1.88 -16.69 18.49
N ALA A 137 1.50 -16.84 17.23
CA ALA A 137 0.14 -17.30 16.90
C ALA A 137 -0.14 -18.76 17.06
N ASP A 138 0.88 -19.61 17.01
CA ASP A 138 0.71 -21.04 17.03
C ASP A 138 2.02 -21.71 17.57
N MET A 139 2.09 -23.02 17.58
CA MET A 139 3.27 -23.70 18.23
C MET A 139 4.56 -23.57 17.41
N ALA A 140 4.46 -23.38 16.09
CA ALA A 140 5.63 -23.08 15.25
C ALA A 140 6.25 -21.74 15.63
N ALA A 141 5.39 -20.75 15.71
CA ALA A 141 5.82 -19.41 16.17
C ALA A 141 6.27 -19.41 17.59
N GLN A 142 5.69 -20.26 18.44
CA GLN A 142 6.17 -20.40 19.78
C GLN A 142 7.66 -20.82 19.85
N THR A 143 8.03 -21.70 18.93
CA THR A 143 9.42 -22.18 18.84
C THR A 143 10.34 -20.97 18.47
N THR A 144 9.94 -20.20 17.52
CA THR A 144 10.66 -18.97 17.12
C THR A 144 10.77 -18.02 18.31
N LYS A 145 9.64 -17.90 19.06
CA LYS A 145 9.61 -17.00 20.19
C LYS A 145 10.68 -17.44 21.19
N HIS A 146 10.78 -18.75 21.44
CA HIS A 146 11.76 -19.18 22.38
C HIS A 146 13.16 -18.87 21.89
N LYS A 147 13.39 -19.07 20.63
CA LYS A 147 14.72 -18.78 19.98
C LYS A 147 15.05 -17.31 20.13
N TRP A 148 14.03 -16.47 19.91
CA TRP A 148 14.25 -15.05 19.88
C TRP A 148 14.42 -14.48 21.26
N GLU A 149 13.72 -15.05 22.21
CA GLU A 149 13.97 -14.64 23.62
C GLU A 149 15.36 -15.01 24.04
N ALA A 150 15.82 -16.21 23.67
CA ALA A 150 17.18 -16.60 24.09
C ALA A 150 18.30 -15.76 23.40
N ALA A 151 18.02 -15.22 22.26
CA ALA A 151 18.96 -14.38 21.53
C ALA A 151 18.76 -12.86 21.83
N HIS A 152 17.86 -12.54 22.75
CA HIS A 152 17.56 -11.14 23.13
C HIS A 152 17.21 -10.23 21.96
N VAL A 153 16.44 -10.77 21.03
CA VAL A 153 16.06 -10.08 19.84
C VAL A 153 15.23 -8.82 20.17
N ALA A 154 14.29 -8.93 21.13
CA ALA A 154 13.46 -7.77 21.51
C ALA A 154 14.31 -6.58 21.91
N GLU A 155 15.31 -6.83 22.71
N GLU A 155 15.34 -6.82 22.70
CA GLU A 155 16.19 -5.79 23.24
CA GLU A 155 16.20 -5.72 23.22
C GLU A 155 16.92 -5.01 22.10
C GLU A 155 16.95 -4.99 22.09
N GLN A 156 17.37 -5.75 21.08
CA GLN A 156 18.07 -5.20 19.97
C GLN A 156 17.09 -4.36 19.12
N LEU A 157 15.90 -4.91 18.88
N LEU A 157 15.90 -4.91 18.86
CA LEU A 157 14.92 -4.21 18.05
CA LEU A 157 14.91 -4.18 18.07
C LEU A 157 14.45 -2.98 18.79
C LEU A 157 14.48 -2.95 18.81
N ARG A 158 14.28 -3.08 20.11
CA ARG A 158 13.81 -1.93 20.91
C ARG A 158 14.78 -0.78 20.81
N ALA A 159 16.08 -1.08 20.89
CA ALA A 159 17.06 -0.03 20.80
C ALA A 159 16.99 0.71 19.48
N TYR A 160 16.91 -0.06 18.39
CA TYR A 160 16.71 0.49 17.07
C TYR A 160 15.39 1.30 16.98
N LEU A 161 14.27 0.73 17.38
CA LEU A 161 12.97 1.39 17.18
C LEU A 161 12.81 2.69 17.95
N GLU A 162 13.36 2.74 19.13
CA GLU A 162 13.35 3.97 19.97
C GLU A 162 14.45 5.01 19.68
N GLY A 163 15.49 4.62 18.95
CA GLY A 163 16.69 5.44 18.75
C GLY A 163 16.88 5.68 17.28
N THR A 164 17.65 4.80 16.62
CA THR A 164 17.94 4.94 15.22
C THR A 164 16.78 5.21 14.29
N CYS A 165 15.72 4.47 14.47
CA CYS A 165 14.59 4.56 13.61
C CYS A 165 14.02 5.96 13.61
N VAL A 166 13.83 6.48 14.84
CA VAL A 166 13.23 7.83 15.03
C VAL A 166 14.16 8.91 14.55
N GLU A 167 15.45 8.74 14.79
N GLU A 167 15.46 8.76 14.79
CA GLU A 167 16.45 9.71 14.41
CA GLU A 167 16.42 9.78 14.40
C GLU A 167 16.52 9.85 12.91
C GLU A 167 16.54 9.87 12.89
N TRP A 168 16.50 8.72 12.19
CA TRP A 168 16.52 8.75 10.71
C TRP A 168 15.20 9.22 10.11
N LEU A 169 14.09 8.80 10.68
CA LEU A 169 12.78 9.38 10.23
C LEU A 169 12.80 10.89 10.31
N ARG A 170 13.25 11.47 11.44
CA ARG A 170 13.33 12.88 11.56
C ARG A 170 14.26 13.48 10.52
N ARG A 171 15.36 12.79 10.20
CA ARG A 171 16.29 13.30 9.21
C ARG A 171 15.61 13.39 7.81
N TYR A 172 14.95 12.31 7.49
CA TYR A 172 14.25 12.21 6.17
C TYR A 172 13.17 13.28 6.09
N LEU A 173 12.42 13.45 7.20
CA LEU A 173 11.36 14.52 7.21
C LEU A 173 11.87 15.88 6.95
N GLU A 174 13.03 16.21 7.46
N GLU A 174 13.02 16.20 7.55
CA GLU A 174 13.59 17.50 7.20
CA GLU A 174 13.76 17.43 7.34
C GLU A 174 14.22 17.57 5.80
C GLU A 174 14.18 17.51 5.85
N ASN A 175 14.96 16.54 5.40
CA ASN A 175 15.53 16.57 4.05
C ASN A 175 14.44 16.58 2.91
N GLY A 176 13.33 15.92 3.16
CA GLY A 176 12.25 15.82 2.17
C GLY A 176 11.09 16.77 2.50
N LYS A 177 11.31 17.75 3.38
CA LYS A 177 10.19 18.54 3.91
C LYS A 177 9.30 19.15 2.85
N GLU A 178 9.89 19.63 1.74
CA GLU A 178 9.11 20.27 0.65
C GLU A 178 7.91 19.42 0.26
N THR A 179 8.07 18.11 0.32
CA THR A 179 6.95 17.24 0.03
C THR A 179 6.47 16.53 1.28
N LEU A 180 7.39 15.95 2.09
CA LEU A 180 6.93 15.11 3.17
C LEU A 180 6.17 15.90 4.23
N GLN A 181 6.47 17.19 4.42
CA GLN A 181 5.74 17.96 5.38
C GLN A 181 4.70 18.91 4.74
N ARG A 182 4.34 18.67 3.51
CA ARG A 182 3.30 19.43 2.79
C ARG A 182 2.05 18.57 2.80
N THR A 183 0.92 19.08 3.23
CA THR A 183 -0.31 18.33 3.14
C THR A 183 -0.99 18.85 1.86
N ASP A 184 -1.44 17.93 1.04
CA ASP A 184 -2.29 18.23 -0.10
C ASP A 184 -3.78 17.93 0.23
N ALA A 185 -4.56 18.97 0.48
CA ALA A 185 -5.97 18.82 0.76
C ALA A 185 -6.65 18.28 -0.48
N PRO A 186 -7.66 17.44 -0.34
CA PRO A 186 -8.42 16.98 -1.49
C PRO A 186 -9.08 18.12 -2.28
N LYS A 187 -8.94 18.03 -3.59
CA LYS A 187 -9.71 18.78 -4.60
C LYS A 187 -11.03 18.02 -4.75
N THR A 188 -12.08 18.66 -4.31
CA THR A 188 -13.42 18.03 -4.31
C THR A 188 -14.38 18.62 -5.33
N HIS A 189 -15.30 17.76 -5.74
CA HIS A 189 -16.42 18.18 -6.55
C HIS A 189 -17.50 17.08 -6.52
N MET A 190 -18.68 17.46 -6.94
CA MET A 190 -19.77 16.49 -7.00
C MET A 190 -20.23 16.32 -8.44
N THR A 191 -20.58 15.10 -8.80
CA THR A 191 -21.25 14.79 -10.02
C THR A 191 -22.63 14.16 -9.79
N HIS A 192 -23.46 14.26 -10.82
CA HIS A 192 -24.84 13.93 -10.76
C HIS A 192 -25.12 13.02 -11.95
N HIS A 193 -25.82 11.89 -11.71
N HIS A 193 -25.64 11.81 -11.73
CA HIS A 193 -26.05 10.81 -12.69
CA HIS A 193 -26.19 11.05 -12.85
C HIS A 193 -27.53 10.35 -12.61
C HIS A 193 -27.61 10.64 -12.55
N ALA A 194 -28.40 10.66 -13.59
CA ALA A 194 -29.75 10.21 -13.47
C ALA A 194 -29.68 8.65 -13.58
N VAL A 195 -30.36 7.94 -12.69
CA VAL A 195 -30.41 6.47 -12.70
C VAL A 195 -31.75 5.96 -13.22
N SER A 196 -32.78 6.78 -13.06
CA SER A 196 -34.06 6.50 -13.61
C SER A 196 -34.79 7.86 -13.67
N ASP A 197 -36.04 7.83 -14.01
CA ASP A 197 -36.83 9.06 -13.99
C ASP A 197 -37.05 9.55 -12.57
N HIS A 198 -36.82 8.71 -11.56
CA HIS A 198 -37.22 9.03 -10.23
C HIS A 198 -36.07 9.07 -9.26
N GLU A 199 -34.89 8.66 -9.70
CA GLU A 199 -33.76 8.79 -8.81
C GLU A 199 -32.49 9.12 -9.52
N ALA A 200 -31.57 9.62 -8.74
CA ALA A 200 -30.31 10.08 -9.25
C ALA A 200 -29.17 9.66 -8.30
N THR A 201 -27.96 9.60 -8.79
CA THR A 201 -26.82 9.25 -8.03
C THR A 201 -26.00 10.51 -7.90
N LEU A 202 -25.65 10.89 -6.66
CA LEU A 202 -24.67 11.92 -6.43
C LEU A 202 -23.39 11.26 -6.09
N ARG A 203 -22.30 11.76 -6.70
CA ARG A 203 -21.00 11.14 -6.40
C ARG A 203 -20.07 12.25 -5.97
N CYS A 204 -19.51 12.08 -4.78
N CYS A 204 -19.55 12.13 -4.75
CA CYS A 204 -18.62 13.05 -4.21
CA CYS A 204 -18.63 13.13 -4.25
C CYS A 204 -17.20 12.55 -4.45
C CYS A 204 -17.18 12.61 -4.31
N TRP A 205 -16.37 13.42 -4.99
CA TRP A 205 -15.02 13.09 -5.38
C TRP A 205 -14.01 13.85 -4.57
N ALA A 206 -12.97 13.14 -4.11
CA ALA A 206 -11.84 13.72 -3.47
C ALA A 206 -10.59 13.27 -4.27
N LEU A 207 -9.86 14.25 -4.76
CA LEU A 207 -8.77 13.96 -5.69
C LEU A 207 -7.50 14.69 -5.30
N SER A 208 -6.37 14.06 -5.66
CA SER A 208 -5.05 14.67 -5.55
C SER A 208 -4.63 15.02 -4.10
N PHE A 209 -5.03 14.17 -3.15
CA PHE A 209 -4.70 14.39 -1.78
C PHE A 209 -3.57 13.58 -1.26
N TYR A 210 -3.02 14.09 -0.17
CA TYR A 210 -1.91 13.43 0.55
C TYR A 210 -1.87 14.05 1.93
N PRO A 211 -1.75 13.23 2.98
CA PRO A 211 -1.64 11.76 2.93
C PRO A 211 -2.94 11.03 2.60
N ALA A 212 -2.89 9.70 2.55
CA ALA A 212 -4.00 8.94 2.00
C ALA A 212 -5.22 8.87 2.94
N GLU A 213 -5.05 9.01 4.25
CA GLU A 213 -6.13 8.95 5.22
C GLU A 213 -7.15 10.06 4.88
N ILE A 214 -8.41 9.67 4.79
CA ILE A 214 -9.49 10.60 4.46
C ILE A 214 -10.79 9.97 4.95
N THR A 215 -11.79 10.79 5.21
CA THR A 215 -13.16 10.30 5.55
C THR A 215 -14.13 11.10 4.71
N LEU A 216 -14.94 10.37 3.94
CA LEU A 216 -16.04 10.95 3.17
C LEU A 216 -17.32 10.39 3.77
N THR A 217 -18.26 11.27 4.09
CA THR A 217 -19.53 10.80 4.74
C THR A 217 -20.67 11.56 4.08
N TRP A 218 -21.76 10.87 3.84
CA TRP A 218 -22.96 11.55 3.37
C TRP A 218 -23.90 11.82 4.53
N GLN A 219 -24.61 12.93 4.43
CA GLN A 219 -25.69 13.27 5.32
C GLN A 219 -26.95 13.64 4.55
N ARG A 220 -28.11 13.28 5.10
CA ARG A 220 -29.39 13.77 4.64
C ARG A 220 -29.95 14.65 5.75
N ASP A 221 -30.27 15.91 5.40
CA ASP A 221 -30.91 16.83 6.33
C ASP A 221 -30.06 16.80 7.62
N GLY A 222 -28.75 16.77 7.45
CA GLY A 222 -27.83 16.90 8.56
C GLY A 222 -27.61 15.67 9.42
N GLU A 223 -28.10 14.52 8.99
CA GLU A 223 -27.86 13.27 9.69
C GLU A 223 -27.15 12.24 8.83
N ASP A 224 -26.16 11.55 9.42
CA ASP A 224 -25.34 10.59 8.64
C ASP A 224 -26.23 9.51 8.02
N GLN A 225 -25.97 9.22 6.75
CA GLN A 225 -26.64 8.23 6.00
C GLN A 225 -25.64 7.24 5.39
N THR A 226 -25.87 5.97 5.68
CA THR A 226 -25.07 4.92 5.07
C THR A 226 -25.88 4.03 4.11
N GLN A 227 -27.16 3.87 4.33
CA GLN A 227 -28.00 3.22 3.35
C GLN A 227 -27.98 3.90 2.00
N ASP A 228 -28.12 3.11 0.95
CA ASP A 228 -28.09 3.60 -0.41
C ASP A 228 -26.82 4.40 -0.75
N THR A 229 -25.70 4.07 -0.09
CA THR A 229 -24.41 4.69 -0.44
C THR A 229 -23.40 3.63 -0.84
N GLU A 230 -22.37 4.09 -1.52
CA GLU A 230 -21.23 3.28 -1.91
C GLU A 230 -19.96 4.09 -1.76
N LEU A 231 -18.82 3.47 -1.40
CA LEU A 231 -17.59 4.19 -1.03
C LEU A 231 -16.53 3.31 -1.70
N VAL A 232 -15.70 3.83 -2.59
CA VAL A 232 -14.60 3.00 -3.05
C VAL A 232 -13.39 3.08 -2.12
N GLU A 233 -12.57 2.03 -2.15
N GLU A 233 -12.58 2.05 -2.14
CA GLU A 233 -11.23 1.98 -1.48
CA GLU A 233 -11.34 2.09 -1.43
C GLU A 233 -10.38 3.16 -1.98
C GLU A 233 -10.44 3.21 -1.96
N THR A 234 -9.71 3.84 -1.08
CA THR A 234 -8.76 4.88 -1.48
C THR A 234 -7.72 4.25 -2.38
N ARG A 235 -7.36 4.95 -3.45
CA ARG A 235 -6.51 4.46 -4.49
C ARG A 235 -5.45 5.47 -4.92
N PRO A 236 -4.32 5.00 -5.38
CA PRO A 236 -3.21 5.87 -5.76
C PRO A 236 -3.47 6.47 -7.11
N ALA A 237 -3.16 7.76 -7.25
CA ALA A 237 -3.25 8.35 -8.56
C ALA A 237 -2.05 7.97 -9.43
N GLY A 238 -0.91 7.62 -8.80
CA GLY A 238 0.36 7.31 -9.44
C GLY A 238 1.37 8.42 -9.49
N ASP A 239 0.94 9.63 -9.07
CA ASP A 239 1.87 10.78 -8.93
C ASP A 239 2.18 11.11 -7.48
N GLY A 240 1.89 10.17 -6.57
CA GLY A 240 2.17 10.36 -5.18
C GLY A 240 0.94 10.73 -4.36
N THR A 241 -0.14 11.12 -5.06
CA THR A 241 -1.39 11.48 -4.43
C THR A 241 -2.40 10.36 -4.48
N PHE A 242 -3.56 10.55 -3.83
CA PHE A 242 -4.60 9.57 -3.70
C PHE A 242 -5.94 10.13 -4.16
N GLN A 243 -6.89 9.21 -4.38
CA GLN A 243 -8.22 9.54 -4.84
C GLN A 243 -9.22 8.69 -4.04
N LYS A 244 -10.43 9.19 -3.95
CA LYS A 244 -11.54 8.43 -3.38
C LYS A 244 -12.84 9.09 -3.83
N TRP A 245 -13.91 8.30 -3.79
CA TRP A 245 -15.25 8.84 -3.99
C TRP A 245 -16.25 8.08 -3.15
N ALA A 246 -17.37 8.73 -2.96
CA ALA A 246 -18.52 8.19 -2.20
C ALA A 246 -19.73 8.59 -2.97
N ALA A 247 -20.75 7.71 -3.06
CA ALA A 247 -21.92 8.04 -3.80
C ALA A 247 -23.17 7.66 -2.98
N VAL A 248 -24.25 8.32 -3.32
CA VAL A 248 -25.54 8.14 -2.65
C VAL A 248 -26.61 8.20 -3.75
N VAL A 249 -27.66 7.37 -3.60
CA VAL A 249 -28.77 7.34 -4.52
C VAL A 249 -29.84 8.11 -3.82
N VAL A 250 -30.48 9.05 -4.54
CA VAL A 250 -31.47 9.96 -3.95
C VAL A 250 -32.72 10.12 -4.82
N PRO A 251 -33.87 10.50 -4.22
CA PRO A 251 -35.04 10.77 -5.05
C PRO A 251 -34.77 11.99 -5.91
N SER A 252 -34.98 11.88 -7.24
N SER A 252 -35.25 11.95 -7.16
CA SER A 252 -34.74 13.04 -8.12
CA SER A 252 -34.99 13.03 -8.09
C SER A 252 -35.59 14.20 -7.60
C SER A 252 -35.71 14.27 -7.64
N GLY A 253 -34.97 15.37 -7.55
CA GLY A 253 -35.54 16.55 -6.97
C GLY A 253 -35.16 16.85 -5.55
N GLN A 254 -34.63 15.87 -4.83
CA GLN A 254 -34.33 16.03 -3.46
C GLN A 254 -32.84 16.14 -3.23
N GLU A 255 -32.03 16.40 -4.30
CA GLU A 255 -30.60 16.48 -4.17
C GLU A 255 -30.10 17.44 -3.12
N GLN A 256 -30.79 18.55 -2.95
CA GLN A 256 -30.34 19.62 -2.06
C GLN A 256 -30.31 19.19 -0.58
N ARG A 257 -31.08 18.15 -0.20
CA ARG A 257 -31.04 17.66 1.20
C ARG A 257 -29.77 16.95 1.59
N TYR A 258 -28.93 16.60 0.62
CA TYR A 258 -27.80 15.73 0.86
C TYR A 258 -26.53 16.58 0.83
N THR A 259 -25.63 16.26 1.74
CA THR A 259 -24.33 16.88 1.83
C THR A 259 -23.27 15.83 1.98
N CYS A 260 -22.15 16.07 1.29
N CYS A 260 -22.13 16.03 1.29
CA CYS A 260 -20.94 15.29 1.40
CA CYS A 260 -20.95 15.20 1.46
C CYS A 260 -20.05 16.03 2.38
C CYS A 260 -19.93 15.95 2.27
N HIS A 261 -19.47 15.30 3.34
CA HIS A 261 -18.51 15.87 4.33
C HIS A 261 -17.18 15.21 4.19
N VAL A 262 -16.18 16.04 3.98
CA VAL A 262 -14.83 15.58 3.73
C VAL A 262 -13.88 16.02 4.81
N GLN A 263 -13.25 15.02 5.42
CA GLN A 263 -12.30 15.21 6.53
C GLN A 263 -10.94 14.78 6.05
N HIS A 264 -9.95 15.65 6.30
CA HIS A 264 -8.56 15.37 5.85
C HIS A 264 -7.61 16.23 6.60
N GLU A 265 -6.41 15.70 6.84
CA GLU A 265 -5.34 16.41 7.56
C GLU A 265 -5.05 17.78 6.97
N GLY A 266 -5.23 17.94 5.68
CA GLY A 266 -4.94 19.24 5.01
C GLY A 266 -6.06 20.23 5.01
N LEU A 267 -7.17 19.88 5.66
CA LEU A 267 -8.30 20.74 5.77
C LEU A 267 -8.44 21.20 7.23
N PRO A 268 -8.22 22.49 7.48
CA PRO A 268 -8.46 23.02 8.82
C PRO A 268 -9.83 22.72 9.37
N LYS A 269 -10.90 22.85 8.58
CA LYS A 269 -12.19 22.41 8.99
C LYS A 269 -12.71 21.53 7.90
N PRO A 270 -13.62 20.62 8.21
CA PRO A 270 -14.08 19.77 7.13
C PRO A 270 -14.85 20.55 6.08
N LEU A 271 -14.87 20.03 4.87
CA LEU A 271 -15.59 20.63 3.78
C LEU A 271 -16.95 20.01 3.67
N THR A 272 -17.94 20.80 3.27
CA THR A 272 -19.25 20.25 3.04
C THR A 272 -19.63 20.61 1.62
N LEU A 273 -19.95 19.63 0.81
CA LEU A 273 -20.45 19.86 -0.55
C LEU A 273 -21.92 19.55 -0.64
N ARG A 274 -22.65 20.35 -1.42
CA ARG A 274 -24.10 20.14 -1.66
C ARG A 274 -24.40 20.39 -3.14
N TRP A 275 -25.24 19.53 -3.73
CA TRP A 275 -25.72 19.78 -5.09
C TRP A 275 -26.79 20.86 -5.09
N GLU A 276 -26.38 22.00 -5.60
N GLU A 276 -26.40 22.03 -5.54
CA GLU A 276 -27.22 23.13 -5.90
CA GLU A 276 -27.32 23.05 -6.01
C GLU A 276 -27.20 23.41 -7.42
C GLU A 276 -27.21 23.20 -7.53
N PRO A 277 -25.99 23.57 -8.04
CA PRO A 277 -25.74 23.85 -9.46
C PRO A 277 -26.93 23.86 -10.44
N MET B 1 -2.33 -21.69 1.33
CA MET B 1 -3.09 -21.58 2.60
C MET B 1 -4.36 -20.73 2.35
N ILE B 2 -4.47 -19.52 2.91
CA ILE B 2 -5.58 -18.61 2.57
C ILE B 2 -5.23 -18.12 1.19
N GLN B 3 -6.20 -18.16 0.29
CA GLN B 3 -6.05 -17.43 -0.96
C GLN B 3 -7.10 -16.34 -0.92
N ARG B 4 -6.70 -15.15 -1.28
CA ARG B 4 -7.61 -14.00 -1.31
C ARG B 4 -7.61 -13.44 -2.70
N THR B 5 -8.78 -13.25 -3.26
CA THR B 5 -8.88 -12.85 -4.64
C THR B 5 -8.70 -11.31 -4.77
N PRO B 6 -8.13 -10.84 -5.90
CA PRO B 6 -7.90 -9.40 -5.98
C PRO B 6 -9.16 -8.53 -6.18
N LYS B 7 -9.19 -7.37 -5.53
CA LYS B 7 -10.08 -6.25 -5.87
C LYS B 7 -9.40 -5.44 -6.94
N ILE B 8 -10.20 -4.91 -7.88
CA ILE B 8 -9.68 -4.28 -9.04
C ILE B 8 -10.39 -2.95 -9.21
N GLN B 9 -9.62 -1.91 -9.43
CA GLN B 9 -10.17 -0.63 -9.91
C GLN B 9 -9.40 -0.17 -11.08
N VAL B 10 -10.11 0.43 -12.05
CA VAL B 10 -9.52 0.90 -13.25
C VAL B 10 -10.03 2.31 -13.46
N TYR B 11 -9.07 3.23 -13.63
CA TYR B 11 -9.35 4.62 -13.55
C TYR B 11 -8.21 5.45 -14.12
N SER B 12 -8.50 6.71 -14.43
CA SER B 12 -7.43 7.59 -14.94
C SER B 12 -6.80 8.42 -13.79
N ARG B 13 -5.56 8.85 -14.00
CA ARG B 13 -4.88 9.70 -13.01
C ARG B 13 -5.60 11.04 -12.92
N HIS B 14 -5.96 11.64 -14.06
CA HIS B 14 -6.52 12.97 -14.14
C HIS B 14 -7.89 12.78 -14.73
N PRO B 15 -8.78 13.76 -14.58
CA PRO B 15 -10.07 13.74 -15.25
C PRO B 15 -9.93 13.51 -16.75
N ALA B 16 -10.68 12.59 -17.30
CA ALA B 16 -10.42 12.26 -18.69
C ALA B 16 -11.07 13.21 -19.67
N GLU B 17 -10.25 13.71 -20.58
CA GLU B 17 -10.68 14.52 -21.69
C GLU B 17 -10.07 13.98 -22.98
N ASN B 18 -10.88 13.82 -24.00
CA ASN B 18 -10.37 13.30 -25.26
C ASN B 18 -9.30 14.17 -25.84
N GLY B 19 -8.26 13.55 -26.32
CA GLY B 19 -7.15 14.23 -26.94
C GLY B 19 -6.12 14.72 -25.97
N LYS B 20 -6.37 14.61 -24.66
CA LYS B 20 -5.36 14.98 -23.70
C LYS B 20 -4.68 13.86 -23.05
N SER B 21 -3.35 13.90 -23.12
N SER B 21 -3.35 13.87 -23.12
CA SER B 21 -2.49 12.85 -22.48
CA SER B 21 -2.58 12.76 -22.52
C SER B 21 -2.82 12.67 -20.98
C SER B 21 -2.80 12.66 -21.01
N ASN B 22 -2.75 11.44 -20.51
CA ASN B 22 -3.24 11.08 -19.18
C ASN B 22 -2.53 9.76 -18.85
N PHE B 23 -2.91 9.14 -17.75
CA PHE B 23 -2.42 7.84 -17.31
C PHE B 23 -3.61 6.97 -16.96
N LEU B 24 -3.56 5.73 -17.44
CA LEU B 24 -4.56 4.74 -17.16
C LEU B 24 -3.98 3.84 -16.08
N ASN B 25 -4.73 3.69 -15.00
CA ASN B 25 -4.37 2.91 -13.84
C ASN B 25 -5.27 1.66 -13.71
N CYS B 26 -4.62 0.57 -13.30
CA CYS B 26 -5.29 -0.62 -12.77
C CYS B 26 -4.68 -0.99 -11.40
N TYR B 27 -5.48 -0.79 -10.36
CA TYR B 27 -5.05 -0.94 -8.99
C TYR B 27 -5.63 -2.26 -8.56
N VAL B 28 -4.74 -3.15 -8.15
CA VAL B 28 -5.15 -4.45 -7.69
C VAL B 28 -4.70 -4.58 -6.24
N SER B 29 -5.63 -5.01 -5.40
CA SER B 29 -5.34 -5.02 -3.97
C SER B 29 -6.09 -6.18 -3.29
N GLY B 30 -5.76 -6.44 -2.02
CA GLY B 30 -6.40 -7.43 -1.21
C GLY B 30 -6.18 -8.89 -1.60
N PHE B 31 -5.07 -9.16 -2.29
CA PHE B 31 -4.80 -10.51 -2.83
C PHE B 31 -3.72 -11.19 -2.03
N HIS B 32 -3.73 -12.53 -2.13
CA HIS B 32 -2.70 -13.39 -1.58
C HIS B 32 -2.91 -14.74 -2.28
N PRO B 33 -1.85 -15.38 -2.76
CA PRO B 33 -0.47 -14.95 -2.70
C PRO B 33 -0.11 -13.88 -3.68
N SER B 34 1.16 -13.49 -3.75
CA SER B 34 1.51 -12.34 -4.50
C SER B 34 1.62 -12.49 -6.01
N ASP B 35 1.74 -13.70 -6.51
CA ASP B 35 1.90 -13.84 -7.99
C ASP B 35 0.58 -13.44 -8.60
N ILE B 36 0.63 -12.56 -9.57
CA ILE B 36 -0.54 -12.03 -10.25
C ILE B 36 -0.11 -11.61 -11.65
N GLU B 37 -1.02 -11.73 -12.62
CA GLU B 37 -0.80 -11.21 -13.96
C GLU B 37 -1.79 -10.14 -14.21
N VAL B 38 -1.32 -9.03 -14.71
CA VAL B 38 -2.23 -7.87 -14.95
C VAL B 38 -1.82 -7.26 -16.29
N ASP B 39 -2.77 -7.09 -17.22
CA ASP B 39 -2.48 -6.41 -18.43
C ASP B 39 -3.48 -5.30 -18.61
N LEU B 40 -3.03 -4.24 -19.20
CA LEU B 40 -3.94 -3.20 -19.62
C LEU B 40 -4.26 -3.42 -21.12
N LEU B 41 -5.53 -3.22 -21.47
CA LEU B 41 -6.08 -3.57 -22.82
C LEU B 41 -6.64 -2.33 -23.50
N LYS B 42 -6.32 -2.17 -24.77
CA LYS B 42 -6.89 -1.13 -25.62
C LYS B 42 -7.58 -1.85 -26.73
N ASN B 43 -8.90 -1.66 -26.83
CA ASN B 43 -9.76 -2.37 -27.79
C ASN B 43 -9.46 -3.85 -27.83
N GLY B 44 -9.39 -4.39 -26.63
CA GLY B 44 -9.14 -5.83 -26.43
C GLY B 44 -7.70 -6.28 -26.53
N GLU B 45 -6.78 -5.43 -26.97
CA GLU B 45 -5.38 -5.78 -27.22
C GLU B 45 -4.42 -5.35 -26.12
N ARG B 46 -3.45 -6.22 -25.83
CA ARG B 46 -2.51 -6.00 -24.72
C ARG B 46 -1.63 -4.77 -24.97
N ILE B 47 -1.53 -3.86 -24.01
CA ILE B 47 -0.63 -2.71 -24.14
C ILE B 47 0.75 -3.14 -23.66
N GLU B 48 1.78 -2.90 -24.47
CA GLU B 48 3.17 -3.24 -24.09
C GLU B 48 3.88 -2.33 -23.06
N LYS B 49 3.73 -1.02 -23.12
CA LYS B 49 4.62 -0.18 -22.27
C LYS B 49 4.22 -0.04 -20.75
N VAL B 50 3.47 -1.00 -20.19
CA VAL B 50 2.89 -0.84 -18.86
C VAL B 50 3.93 -1.06 -17.79
N GLU B 51 3.94 -0.16 -16.83
CA GLU B 51 4.75 -0.30 -15.63
C GLU B 51 3.93 -0.64 -14.43
N HIS B 52 4.61 -1.06 -13.36
CA HIS B 52 3.93 -1.26 -12.12
C HIS B 52 4.79 -0.82 -10.94
N SER B 53 4.09 -0.61 -9.86
CA SER B 53 4.71 -0.26 -8.57
C SER B 53 5.39 -1.47 -7.95
N ASP B 54 6.20 -1.19 -6.96
CA ASP B 54 6.87 -2.20 -6.22
C ASP B 54 5.91 -2.88 -5.25
N LEU B 55 6.01 -4.21 -5.13
CA LEU B 55 5.01 -4.92 -4.31
C LEU B 55 5.06 -4.53 -2.84
N SER B 56 3.89 -4.26 -2.27
CA SER B 56 3.80 -3.96 -0.84
C SER B 56 2.53 -4.62 -0.34
N PHE B 57 2.25 -4.40 0.92
CA PHE B 57 1.11 -5.06 1.52
C PHE B 57 0.51 -4.28 2.62
N SER B 58 -0.74 -4.66 2.93
CA SER B 58 -1.57 -3.95 3.85
C SER B 58 -1.51 -4.51 5.24
N LYS B 59 -2.32 -3.89 6.15
CA LYS B 59 -2.35 -4.33 7.52
C LYS B 59 -2.69 -5.83 7.71
N ASP B 60 -3.53 -6.36 6.83
CA ASP B 60 -3.95 -7.75 6.90
C ASP B 60 -3.06 -8.73 6.09
N TRP B 61 -1.90 -8.24 5.62
CA TRP B 61 -0.91 -8.95 4.91
C TRP B 61 -1.23 -9.12 3.46
N SER B 62 -2.37 -8.62 3.05
CA SER B 62 -2.73 -8.77 1.60
C SER B 62 -1.92 -7.78 0.78
N PHE B 63 -1.67 -8.15 -0.47
CA PHE B 63 -0.81 -7.40 -1.38
C PHE B 63 -1.58 -6.35 -2.18
N TYR B 64 -0.86 -5.33 -2.65
CA TYR B 64 -1.43 -4.39 -3.59
C TYR B 64 -0.34 -3.93 -4.58
N LEU B 65 -0.79 -3.66 -5.81
CA LEU B 65 0.07 -3.16 -6.88
C LEU B 65 -0.73 -2.17 -7.71
N LEU B 66 -0.01 -1.20 -8.28
CA LEU B 66 -0.61 -0.29 -9.27
C LEU B 66 0.08 -0.58 -10.57
N TYR B 67 -0.68 -0.84 -11.64
CA TYR B 67 -0.17 -0.98 -12.96
C TYR B 67 -0.69 0.23 -13.75
N TYR B 68 0.15 0.79 -14.59
CA TYR B 68 -0.23 2.03 -15.27
C TYR B 68 0.49 2.28 -16.59
N THR B 69 -0.14 3.08 -17.48
CA THR B 69 0.52 3.45 -18.71
C THR B 69 0.01 4.80 -19.15
N GLU B 70 0.85 5.56 -19.84
CA GLU B 70 0.40 6.77 -20.45
C GLU B 70 -0.59 6.45 -21.50
N PHE B 71 -1.57 7.32 -21.72
CA PHE B 71 -2.52 7.11 -22.80
C PHE B 71 -3.22 8.40 -23.12
N THR B 72 -3.81 8.42 -24.28
CA THR B 72 -4.54 9.63 -24.68
C THR B 72 -5.92 9.17 -24.96
N PRO B 73 -6.87 9.44 -24.07
CA PRO B 73 -8.17 8.89 -24.36
C PRO B 73 -8.80 9.54 -25.60
N THR B 74 -9.64 8.74 -26.28
CA THR B 74 -10.42 9.22 -27.42
C THR B 74 -11.89 8.84 -27.21
N GLU B 75 -12.76 9.25 -28.13
CA GLU B 75 -14.18 9.04 -27.89
C GLU B 75 -14.52 7.55 -28.03
N LYS B 76 -13.89 6.87 -28.99
CA LYS B 76 -14.30 5.51 -29.36
C LYS B 76 -13.45 4.42 -28.74
N ASP B 77 -12.22 4.72 -28.31
CA ASP B 77 -11.34 3.64 -27.82
C ASP B 77 -11.79 3.13 -26.48
N GLU B 78 -11.76 1.82 -26.28
CA GLU B 78 -12.16 1.24 -25.02
C GLU B 78 -10.95 0.69 -24.31
N TYR B 79 -10.93 0.90 -23.01
CA TYR B 79 -9.83 0.44 -22.20
C TYR B 79 -10.36 -0.46 -21.12
N ALA B 80 -9.49 -1.37 -20.67
CA ALA B 80 -9.81 -2.33 -19.64
C ALA B 80 -8.57 -2.86 -18.98
N CYS B 81 -8.81 -3.56 -17.89
CA CYS B 81 -7.72 -4.21 -17.16
C CYS B 81 -8.06 -5.68 -17.06
N ARG B 82 -7.09 -6.55 -17.35
CA ARG B 82 -7.28 -8.00 -17.30
C ARG B 82 -6.35 -8.57 -16.26
N VAL B 83 -6.95 -9.31 -15.34
CA VAL B 83 -6.25 -9.87 -14.20
C VAL B 83 -6.41 -11.36 -14.06
N ASN B 84 -5.29 -12.03 -13.86
CA ASN B 84 -5.34 -13.46 -13.52
C ASN B 84 -4.58 -13.70 -12.24
N HIS B 85 -5.09 -14.61 -11.44
CA HIS B 85 -4.52 -14.95 -10.15
C HIS B 85 -4.95 -16.37 -9.86
N VAL B 86 -4.31 -17.02 -8.89
CA VAL B 86 -4.63 -18.43 -8.63
C VAL B 86 -6.08 -18.58 -8.14
N THR B 87 -6.68 -17.55 -7.55
CA THR B 87 -8.11 -17.57 -7.10
C THR B 87 -9.14 -17.43 -8.21
N LEU B 88 -8.70 -17.08 -9.40
CA LEU B 88 -9.60 -16.91 -10.56
C LEU B 88 -9.56 -18.07 -11.55
N SER B 89 -10.72 -18.60 -11.92
CA SER B 89 -10.81 -19.63 -12.94
C SER B 89 -10.33 -19.18 -14.29
N GLN B 90 -10.68 -17.94 -14.60
CA GLN B 90 -10.50 -17.38 -15.91
C GLN B 90 -10.08 -15.97 -15.63
N PRO B 91 -9.25 -15.38 -16.50
CA PRO B 91 -8.91 -14.01 -16.15
C PRO B 91 -10.13 -13.09 -16.02
N LYS B 92 -10.04 -12.09 -15.15
CA LYS B 92 -11.13 -11.16 -14.94
C LYS B 92 -10.88 -9.86 -15.70
N ILE B 93 -11.87 -9.39 -16.43
CA ILE B 93 -11.73 -8.14 -17.19
C ILE B 93 -12.64 -7.07 -16.59
N VAL B 94 -12.04 -5.93 -16.24
CA VAL B 94 -12.83 -4.76 -15.73
C VAL B 94 -12.63 -3.62 -16.72
N LYS B 95 -13.72 -3.15 -17.29
CA LYS B 95 -13.64 -2.08 -18.28
C LYS B 95 -13.47 -0.76 -17.56
N TRP B 96 -12.74 0.16 -18.20
CA TRP B 96 -12.62 1.50 -17.66
C TRP B 96 -13.92 2.29 -17.84
N ASP B 97 -14.49 2.83 -16.76
CA ASP B 97 -15.62 3.74 -16.87
C ASP B 97 -15.12 5.08 -16.41
N ARG B 98 -15.14 6.08 -17.29
CA ARG B 98 -14.50 7.36 -16.93
C ARG B 98 -15.14 8.12 -15.73
N ASP B 99 -16.33 7.72 -15.30
CA ASP B 99 -17.03 8.36 -14.18
C ASP B 99 -16.88 7.67 -12.81
N MET B 100 -15.94 6.72 -12.71
CA MET B 100 -15.75 5.79 -11.54
C MET B 100 -14.27 5.75 -11.09
N ARG C 1 16.59 4.31 7.35
CA ARG C 1 17.77 3.46 7.73
C ARG C 1 17.20 2.17 8.29
N GLN C 2 17.54 1.06 7.65
CA GLN C 2 17.06 -0.24 8.14
C GLN C 2 17.76 -0.69 9.40
N PHE C 3 17.11 -1.62 10.06
CA PHE C 3 17.76 -2.42 11.11
C PHE C 3 18.78 -3.38 10.47
N GLY C 4 19.79 -3.73 11.21
CA GLY C 4 20.62 -4.84 10.75
C GLY C 4 22.08 -4.49 10.89
N PRO C 5 23.00 -5.32 10.39
CA PRO C 5 22.73 -6.42 9.47
C PRO C 5 22.44 -7.75 10.10
N ASP C 6 22.45 -7.83 11.44
CA ASP C 6 22.21 -9.11 12.11
C ASP C 6 20.72 -9.45 12.17
N TRP C 7 20.17 -10.16 11.20
CA TRP C 7 18.79 -10.58 11.27
C TRP C 7 18.74 -12.03 11.77
N ILE C 8 18.16 -12.24 12.96
CA ILE C 8 18.22 -13.58 13.60
C ILE C 8 17.17 -14.48 12.96
N VAL C 9 17.59 -15.70 12.60
CA VAL C 9 16.65 -16.60 11.98
C VAL C 9 15.52 -17.05 12.91
N ALA C 10 14.41 -17.38 12.31
CA ALA C 10 13.23 -17.94 13.00
C ALA C 10 13.40 -19.40 13.42
#